data_5MWZ
#
_entry.id   5MWZ
#
_cell.length_a   60.811
_cell.length_b   60.811
_cell.length_c   63.207
_cell.angle_alpha   90.00
_cell.angle_beta   90.00
_cell.angle_gamma   120.00
#
_symmetry.space_group_name_H-M   'P 32 2 1'
#
loop_
_entity.id
_entity.type
_entity.pdbx_description
1 polymer Peregrin
2 non-polymer ~{N}-[1,4-diethyl-2,3-bis(oxidanylidene)-7-piperidin-1-yl-quinoxalin-6-yl]-2-(4-methylpiperazin-1-yl)ethanamide
3 water water
#
_entity_poly.entity_id   1
_entity_poly.type   'polypeptide(L)'
_entity_poly.pdbx_seq_one_letter_code
;SMEMQLTPFLILLRKTLEQLQEKDTGNIFSEPVPLSEVPDYLDHIKKPMDFFTMKQNLEAYRYLNFDDFEEDFNLIVSNC
LKYNAKDTIFYRAAVRLREQGGAVLRQARRQAEKMG
;
_entity_poly.pdbx_strand_id   A
#
loop_
_chem_comp.id
_chem_comp.type
_chem_comp.name
_chem_comp.formula
KGU non-polymer ~{N}-[1,4-diethyl-2,3-bis(oxidanylidene)-7-piperidin-1-yl-quinoxalin-6-yl]-2-(4-methylpiperazin-1-yl)ethanamide 'C24 H36 N6 O3'
#
# COMPACT_ATOMS: atom_id res chain seq x y z
N MET A 2 10.67 0.00 -17.46
CA MET A 2 9.68 1.00 -17.82
C MET A 2 9.45 1.08 -19.34
N GLU A 3 9.91 0.07 -20.08
CA GLU A 3 9.72 0.03 -21.53
C GLU A 3 8.49 -0.82 -21.82
N MET A 4 7.32 -0.18 -21.79
CA MET A 4 6.04 -0.84 -21.98
C MET A 4 4.99 0.23 -22.21
N GLN A 5 3.78 -0.23 -22.56
CA GLN A 5 2.66 0.67 -22.76
C GLN A 5 2.02 1.04 -21.41
N LEU A 6 1.54 2.27 -21.32
CA LEU A 6 1.00 2.78 -20.06
C LEU A 6 -0.32 2.10 -19.68
N THR A 7 -1.26 2.02 -20.62
CA THR A 7 -2.60 1.55 -20.27
C THR A 7 -2.62 0.14 -19.68
N PRO A 8 -1.96 -0.86 -20.26
CA PRO A 8 -2.00 -2.19 -19.61
C PRO A 8 -1.32 -2.19 -18.26
N PHE A 9 -0.27 -1.37 -18.09
CA PHE A 9 0.38 -1.27 -16.78
C PHE A 9 -0.58 -0.72 -15.73
N LEU A 10 -1.34 0.31 -16.07
CA LEU A 10 -2.29 0.86 -15.11
C LEU A 10 -3.39 -0.14 -14.79
N ILE A 11 -3.86 -0.89 -15.79
CA ILE A 11 -4.86 -1.92 -15.54
C ILE A 11 -4.33 -2.94 -14.55
N LEU A 12 -3.06 -3.34 -14.72
CA LEU A 12 -2.44 -4.27 -13.77
C LEU A 12 -2.34 -3.67 -12.38
N LEU A 13 -1.93 -2.40 -12.28
CA LEU A 13 -1.84 -1.80 -10.95
C LEU A 13 -3.20 -1.72 -10.29
N ARG A 14 -4.25 -1.41 -11.04
CA ARG A 14 -5.59 -1.34 -10.45
C ARG A 14 -5.99 -2.70 -9.88
N LYS A 15 -5.77 -3.75 -10.65
CA LYS A 15 -6.10 -5.10 -10.19
C LYS A 15 -5.27 -5.46 -8.97
N THR A 16 -3.98 -5.13 -8.99
CA THR A 16 -3.10 -5.45 -7.88
C THR A 16 -3.53 -4.71 -6.63
N LEU A 17 -3.86 -3.42 -6.76
CA LEU A 17 -4.32 -2.66 -5.61
C LEU A 17 -5.58 -3.26 -5.01
N GLU A 18 -6.52 -3.68 -5.87
CA GLU A 18 -7.71 -4.37 -5.37
C GLU A 18 -7.36 -5.64 -4.62
N GLN A 19 -6.42 -6.42 -5.15
CA GLN A 19 -6.00 -7.65 -4.49
C GLN A 19 -5.38 -7.36 -3.13
N LEU A 20 -4.59 -6.29 -3.03
CA LEU A 20 -4.01 -5.93 -1.75
C LEU A 20 -5.08 -5.50 -0.76
N GLN A 21 -6.01 -4.67 -1.21
CA GLN A 21 -7.09 -4.22 -0.34
C GLN A 21 -7.94 -5.38 0.15
N GLU A 22 -8.10 -6.41 -0.67
CA GLU A 22 -8.87 -7.58 -0.24
C GLU A 22 -8.23 -8.26 0.96
N LYS A 23 -6.90 -8.16 1.10
CA LYS A 23 -6.23 -8.76 2.24
C LYS A 23 -6.48 -8.00 3.53
N ASP A 24 -6.84 -6.72 3.43
CA ASP A 24 -7.16 -5.86 4.59
C ASP A 24 -8.66 -6.00 4.83
N THR A 25 -9.03 -7.11 5.48
CA THR A 25 -10.46 -7.46 5.59
C THR A 25 -11.20 -6.50 6.52
N GLY A 26 -10.51 -5.93 7.51
CA GLY A 26 -11.12 -4.93 8.38
C GLY A 26 -11.17 -3.53 7.79
N ASN A 27 -10.55 -3.33 6.62
CA ASN A 27 -10.46 -2.03 5.97
C ASN A 27 -9.75 -0.98 6.83
N ILE A 28 -8.85 -1.42 7.72
CA ILE A 28 -8.21 -0.46 8.62
C ILE A 28 -7.15 0.37 7.91
N PHE A 29 -6.66 -0.09 6.76
CA PHE A 29 -5.70 0.65 5.96
C PHE A 29 -6.35 1.36 4.77
N SER A 30 -7.68 1.42 4.73
CA SER A 30 -8.39 1.93 3.56
CA SER A 30 -8.38 1.92 3.56
C SER A 30 -8.30 3.45 3.41
N GLU A 31 -8.16 4.17 4.50
CA GLU A 31 -8.15 5.64 4.47
C GLU A 31 -7.01 6.15 5.32
N PRO A 32 -6.61 7.42 5.15
CA PRO A 32 -5.50 7.94 5.96
C PRO A 32 -5.76 7.76 7.45
N VAL A 33 -4.71 7.46 8.19
CA VAL A 33 -4.77 7.48 9.64
C VAL A 33 -5.33 8.83 10.06
N PRO A 34 -6.33 8.87 10.96
CA PRO A 34 -6.98 10.15 11.28
C PRO A 34 -6.12 11.01 12.20
N LEU A 35 -5.46 12.02 11.63
CA LEU A 35 -4.48 12.80 12.39
C LEU A 35 -5.12 13.57 13.53
N SER A 36 -6.41 13.88 13.42
CA SER A 36 -7.10 14.55 14.52
C SER A 36 -7.11 13.70 15.78
N GLU A 37 -6.99 12.39 15.65
CA GLU A 37 -6.97 11.49 16.79
C GLU A 37 -5.57 11.19 17.31
N VAL A 38 -4.53 11.45 16.51
CA VAL A 38 -3.16 11.13 16.90
C VAL A 38 -2.24 12.30 16.60
N PRO A 39 -2.24 13.35 17.43
CA PRO A 39 -1.41 14.53 17.14
C PRO A 39 0.09 14.26 17.17
N ASP A 40 0.53 13.11 17.70
CA ASP A 40 1.95 12.76 17.65
C ASP A 40 2.30 11.86 16.47
N TYR A 41 1.34 11.50 15.61
CA TYR A 41 1.62 10.57 14.52
C TYR A 41 2.73 11.09 13.61
N LEU A 42 2.64 12.36 13.21
CA LEU A 42 3.66 12.93 12.33
C LEU A 42 4.97 13.20 13.05
N ASP A 43 5.04 13.02 14.37
CA ASP A 43 6.34 13.05 15.03
C ASP A 43 7.15 11.81 14.70
N HIS A 44 6.48 10.71 14.34
CA HIS A 44 7.13 9.44 14.06
C HIS A 44 7.12 9.07 12.59
N ILE A 45 6.10 9.50 11.85
CA ILE A 45 5.84 9.01 10.51
C ILE A 45 6.09 10.13 9.51
N LYS A 46 7.09 9.94 8.65
CA LYS A 46 7.46 10.98 7.69
C LYS A 46 6.45 11.09 6.55
N LYS A 47 5.94 9.95 6.07
CA LYS A 47 5.05 9.92 4.92
C LYS A 47 3.91 8.94 5.19
N PRO A 48 2.78 9.43 5.71
CA PRO A 48 1.61 8.56 5.87
C PRO A 48 1.19 7.97 4.55
N MET A 49 0.58 6.79 4.58
CA MET A 49 0.07 6.17 3.36
C MET A 49 -1.11 5.29 3.72
N ASP A 50 -1.98 5.07 2.73
CA ASP A 50 -3.18 4.25 2.88
C ASP A 50 -3.65 3.92 1.47
N PHE A 51 -4.62 3.00 1.39
CA PHE A 51 -5.01 2.49 0.07
C PHE A 51 -5.80 3.53 -0.75
N PHE A 52 -6.58 4.40 -0.10
CA PHE A 52 -7.28 5.43 -0.85
C PHE A 52 -6.29 6.39 -1.50
N THR A 53 -5.28 6.82 -0.75
CA THR A 53 -4.23 7.66 -1.32
C THR A 53 -3.52 6.96 -2.47
N MET A 54 -3.26 5.66 -2.32
CA MET A 54 -2.64 4.92 -3.43
C MET A 54 -3.51 4.94 -4.67
N LYS A 55 -4.83 4.74 -4.50
CA LYS A 55 -5.74 4.81 -5.63
C LYS A 55 -5.70 6.17 -6.31
N GLN A 56 -5.70 7.25 -5.52
N GLN A 56 -5.71 7.24 -5.51
CA GLN A 56 -5.63 8.59 -6.10
CA GLN A 56 -5.61 8.59 -6.07
C GLN A 56 -4.31 8.78 -6.83
C GLN A 56 -4.32 8.76 -6.85
N ASN A 57 -3.21 8.31 -6.26
CA ASN A 57 -1.91 8.41 -6.93
C ASN A 57 -1.90 7.64 -8.24
N LEU A 58 -2.47 6.43 -8.23
CA LEU A 58 -2.53 5.62 -9.44
C LEU A 58 -3.24 6.36 -10.56
N GLU A 59 -4.43 6.90 -10.26
CA GLU A 59 -5.22 7.55 -11.29
C GLU A 59 -4.64 8.90 -11.70
N ALA A 60 -3.79 9.50 -10.88
CA ALA A 60 -3.08 10.71 -11.23
C ALA A 60 -1.78 10.45 -11.98
N TYR A 61 -1.51 9.18 -12.34
CA TYR A 61 -0.31 8.80 -13.09
C TYR A 61 0.97 9.02 -12.29
N ARG A 62 0.90 8.83 -10.98
CA ARG A 62 2.08 8.96 -10.14
C ARG A 62 2.85 7.66 -9.99
N TYR A 63 2.30 6.53 -10.41
CA TYR A 63 3.01 5.24 -10.41
C TYR A 63 3.27 4.88 -11.87
N LEU A 64 4.50 5.11 -12.32
CA LEU A 64 4.91 4.77 -13.67
C LEU A 64 5.91 3.64 -13.68
N ASN A 65 6.27 3.11 -12.51
CA ASN A 65 7.03 1.88 -12.42
C ASN A 65 6.51 1.08 -11.23
N PHE A 66 6.79 -0.22 -11.27
CA PHE A 66 6.26 -1.10 -10.24
C PHE A 66 6.85 -0.78 -8.89
N ASP A 67 8.14 -0.42 -8.85
CA ASP A 67 8.81 -0.20 -7.58
C ASP A 67 8.20 0.97 -6.81
N ASP A 68 7.75 2.02 -7.50
CA ASP A 68 7.15 3.14 -6.77
C ASP A 68 5.82 2.73 -6.14
N PHE A 69 5.04 1.91 -6.85
CA PHE A 69 3.79 1.37 -6.30
C PHE A 69 4.07 0.50 -5.08
N GLU A 70 5.02 -0.42 -5.21
CA GLU A 70 5.37 -1.30 -4.10
C GLU A 70 5.90 -0.50 -2.91
N GLU A 71 6.67 0.55 -3.17
CA GLU A 71 7.21 1.36 -2.08
C GLU A 71 6.10 1.99 -1.24
N ASP A 72 5.04 2.46 -1.88
CA ASP A 72 3.92 3.04 -1.12
C ASP A 72 3.17 1.98 -0.33
N PHE A 73 2.95 0.80 -0.92
CA PHE A 73 2.37 -0.29 -0.15
C PHE A 73 3.23 -0.59 1.09
N ASN A 74 4.54 -0.66 0.89
CA ASN A 74 5.43 -0.96 2.00
C ASN A 74 5.34 0.10 3.09
N LEU A 75 5.06 1.35 2.73
CA LEU A 75 4.87 2.40 3.74
C LEU A 75 3.63 2.16 4.59
N ILE A 76 2.53 1.68 3.98
CA ILE A 76 1.35 1.38 4.77
C ILE A 76 1.74 0.44 5.90
N VAL A 77 2.48 -0.63 5.55
CA VAL A 77 2.92 -1.62 6.53
C VAL A 77 3.91 -1.01 7.52
N SER A 78 4.98 -0.42 7.01
CA SER A 78 6.05 -0.01 7.91
CA SER A 78 6.07 0.03 7.88
C SER A 78 5.64 1.12 8.83
N ASN A 79 4.79 2.05 8.36
CA ASN A 79 4.31 3.11 9.24
C ASN A 79 3.54 2.51 10.41
N CYS A 80 2.74 1.50 10.13
CA CYS A 80 1.91 0.89 11.16
C CYS A 80 2.77 0.14 12.17
N LEU A 81 3.77 -0.61 11.70
CA LEU A 81 4.70 -1.27 12.60
C LEU A 81 5.43 -0.26 13.46
N LYS A 82 5.79 0.88 12.88
CA LYS A 82 6.55 1.88 13.62
C LYS A 82 5.71 2.51 14.71
N TYR A 83 4.47 2.90 14.39
CA TYR A 83 3.69 3.68 15.34
C TYR A 83 3.08 2.82 16.45
N ASN A 84 2.67 1.59 16.16
CA ASN A 84 1.84 0.80 17.06
C ASN A 84 2.67 -0.23 17.82
N ALA A 85 2.27 -0.48 19.06
CA ALA A 85 2.99 -1.45 19.88
C ALA A 85 2.79 -2.88 19.36
N LYS A 86 3.78 -3.73 19.62
CA LYS A 86 3.77 -5.09 19.08
C LYS A 86 2.59 -5.90 19.61
N ASP A 87 2.06 -5.55 20.77
CA ASP A 87 0.96 -6.31 21.34
C ASP A 87 -0.41 -5.90 20.81
N THR A 88 -0.49 -4.99 19.85
CA THR A 88 -1.76 -4.53 19.31
C THR A 88 -2.17 -5.32 18.08
N ILE A 89 -3.48 -5.40 17.88
CA ILE A 89 -3.99 -5.97 16.64
C ILE A 89 -3.50 -5.20 15.42
N PHE A 90 -3.43 -3.86 15.52
CA PHE A 90 -2.96 -3.07 14.39
C PHE A 90 -1.56 -3.53 13.94
N TYR A 91 -0.64 -3.68 14.87
CA TYR A 91 0.71 -4.13 14.53
C TYR A 91 0.66 -5.50 13.86
N ARG A 92 -0.09 -6.44 14.45
CA ARG A 92 -0.13 -7.78 13.90
C ARG A 92 -0.82 -7.81 12.54
N ALA A 93 -1.81 -6.93 12.35
CA ALA A 93 -2.44 -6.83 11.03
C ALA A 93 -1.46 -6.33 9.98
N ALA A 94 -0.56 -5.42 10.35
CA ALA A 94 0.47 -4.98 9.41
C ALA A 94 1.42 -6.11 9.05
N VAL A 95 1.80 -6.93 10.04
CA VAL A 95 2.64 -8.09 9.75
C VAL A 95 1.92 -9.02 8.76
N ARG A 96 0.65 -9.29 9.00
CA ARG A 96 -0.08 -10.19 8.12
C ARG A 96 -0.23 -9.61 6.73
N LEU A 97 -0.47 -8.29 6.65
CA LEU A 97 -0.57 -7.64 5.35
C LEU A 97 0.76 -7.69 4.61
N ARG A 98 1.87 -7.51 5.32
CA ARG A 98 3.19 -7.64 4.70
C ARG A 98 3.34 -9.01 4.06
N GLU A 99 2.95 -10.05 4.80
CA GLU A 99 3.11 -11.41 4.29
C GLU A 99 2.19 -11.67 3.10
N GLN A 100 0.89 -11.41 3.28
CA GLN A 100 -0.05 -11.71 2.21
C GLN A 100 0.16 -10.78 1.01
N GLY A 101 0.47 -9.52 1.28
CA GLY A 101 0.65 -8.57 0.19
C GLY A 101 1.93 -8.77 -0.59
N GLY A 102 2.99 -9.20 0.09
CA GLY A 102 4.21 -9.54 -0.64
C GLY A 102 3.98 -10.62 -1.68
N ALA A 103 3.11 -11.58 -1.37
CA ALA A 103 2.84 -12.64 -2.34
C ALA A 103 2.05 -12.10 -3.55
N VAL A 104 1.06 -11.24 -3.29
CA VAL A 104 0.33 -10.58 -4.36
C VAL A 104 1.29 -9.78 -5.25
N LEU A 105 2.23 -9.07 -4.63
CA LEU A 105 3.14 -8.21 -5.37
C LEU A 105 4.12 -9.01 -6.23
N ARG A 106 4.60 -10.15 -5.73
CA ARG A 106 5.53 -10.94 -6.55
C ARG A 106 4.84 -11.43 -7.81
N GLN A 107 3.60 -11.91 -7.70
CA GLN A 107 2.87 -12.37 -8.88
C GLN A 107 2.58 -11.21 -9.83
N ALA A 108 2.22 -10.05 -9.29
CA ALA A 108 1.95 -8.90 -10.15
C ALA A 108 3.21 -8.45 -10.88
N ARG A 109 4.37 -8.50 -10.21
CA ARG A 109 5.61 -8.13 -10.88
C ARG A 109 5.91 -9.08 -12.03
N ARG A 110 5.64 -10.38 -11.84
CA ARG A 110 5.81 -11.33 -12.94
C ARG A 110 4.95 -10.96 -14.13
N GLN A 111 3.74 -10.45 -13.88
CA GLN A 111 2.86 -10.01 -14.96
C GLN A 111 3.40 -8.75 -15.63
N ALA A 112 3.93 -7.81 -14.84
CA ALA A 112 4.50 -6.59 -15.41
C ALA A 112 5.70 -6.91 -16.30
N GLU A 113 6.48 -7.92 -15.93
CA GLU A 113 7.64 -8.31 -16.73
C GLU A 113 7.25 -8.90 -18.09
N LYS A 114 6.03 -9.42 -18.21
CA LYS A 114 5.57 -9.95 -19.49
C LYS A 114 5.13 -8.86 -20.45
N MET A 115 5.10 -7.60 -20.01
CA MET A 115 4.65 -6.50 -20.86
C MET A 115 5.77 -5.98 -21.75
N KGU B . -10.54 5.24 15.52
CA KGU B . -9.63 6.37 15.74
C KGU B . -8.21 5.99 15.27
O KGU B . -7.23 6.50 15.82
CAA KGU B . -3.28 4.65 16.30
CAB KGU B . -4.38 0.33 11.15
CAC KGU B . -13.52 2.27 15.88
CAG KGU B . -5.78 4.80 14.06
CAH KGU B . -6.29 3.08 11.98
CAI KGU B . -11.12 2.83 10.91
CAJ KGU B . -10.93 4.19 11.55
CAK KGU B . -10.50 1.80 11.82
CAL KGU B . -3.14 5.34 14.94
CAM KGU B . -4.20 1.75 10.63
CAN KGU B . -9.44 4.52 11.58
CAO KGU B . -8.99 2.01 11.88
CAP KGU B . -11.26 3.01 16.26
CAQ KGU B . -12.86 4.48 15.23
CAR KGU B . -10.36 4.21 16.54
CAS KGU B . -11.94 5.67 15.53
CAW KGU B . -7.10 4.58 13.66
CAX KGU B . -7.37 3.70 12.62
CAY KGU B . -2.41 3.77 13.19
CAZ KGU B . -2.67 2.88 12.13
CBA KGU B . -4.70 4.18 13.42
CBB KGU B . -4.97 3.30 12.37
NAU KGU B . -8.21 5.13 14.25
NBC KGU B . -12.67 3.42 16.23
NBE KGU B . -8.61 3.42 12.15
NBF KGU B . -3.43 4.41 13.81
NBG KGU B . -3.94 2.68 11.74
OAE KGU B . -1.24 3.99 13.56
OAF KGU B . -1.75 2.29 11.58
#